data_2HKI
#
_entry.id   2HKI
#
_cell.length_a   120.805
_cell.length_b   120.805
_cell.length_c   159.650
_cell.angle_alpha   90.00
_cell.angle_beta   90.00
_cell.angle_gamma   90.00
#
_symmetry.space_group_name_H-M   'I 41 2 2'
#
loop_
_entity.id
_entity.type
_entity.pdbx_description
1 polymer 'Glyceraldehyde-3-phosphate dehydrogenase A, chloroplast'
2 non-polymer 'SULFATE ION'
#
_entity_poly.entity_id   1
_entity_poly.type   'polypeptide(L)'
_entity_poly.pdbx_seq_one_letter_code
;KLKVAINGFGRIGRNFLRCWHGRKDSPLDVVVINDTGGVKQASHLLKYDSILGTFDADVKTAGDSAISVDGKVIKVVSDR
NPVNLPWGDMGIDLVIEGTGVFVDRDGAGKHLQAGAKKVLITAPGKGDIPTYVVGVNEEGYTHADTIISNASCTTNCLAP
FVKVLDQKFGIIKGTMTTTHSYTGDQRLLDASHRDLRRARAACLNIVPTSTGAAKAVALVLPNLKGKLNGIALRVPTPNV
SVVDLVVQVSKKTFAEEVNAAFRESADNELKGILSVCDEPLVSIDFRCTDVSSTIDSSLTMVMGDDMVKVIAWYDNEWGY
SQRVVDLADIVANKWQA
;
_entity_poly.pdbx_strand_id   A
#
# COMPACT_ATOMS: atom_id res chain seq x y z
N LYS A 1 1.00 16.64 15.61
CA LYS A 1 0.92 16.09 17.01
C LYS A 1 1.88 14.91 17.24
N LEU A 2 1.64 13.78 16.57
CA LEU A 2 2.48 12.59 16.71
C LEU A 2 3.89 12.82 16.13
N LYS A 3 4.92 12.53 16.93
CA LYS A 3 6.31 12.64 16.46
C LYS A 3 6.57 11.46 15.53
N VAL A 4 6.83 11.76 14.25
CA VAL A 4 6.92 10.76 13.18
C VAL A 4 8.26 10.84 12.45
N ALA A 5 8.90 9.68 12.29
CA ALA A 5 10.10 9.56 11.45
C ALA A 5 9.85 8.63 10.26
N ILE A 6 10.44 8.96 9.12
CA ILE A 6 10.35 8.12 7.93
C ILE A 6 11.69 7.45 7.66
N ASN A 7 11.71 6.12 7.79
CA ASN A 7 12.89 5.35 7.42
C ASN A 7 12.84 4.87 5.96
N GLY A 8 13.79 5.38 5.16
CA GLY A 8 13.82 5.10 3.72
C GLY A 8 13.06 6.15 2.92
N PHE A 9 13.76 6.83 2.02
CA PHE A 9 13.16 7.91 1.26
C PHE A 9 13.27 7.59 -0.23
N GLY A 10 12.79 6.39 -0.57
CA GLY A 10 12.57 6.01 -1.95
C GLY A 10 11.08 6.13 -2.20
N ARG A 11 10.63 5.56 -3.31
CA ARG A 11 9.26 5.74 -3.78
C ARG A 11 8.24 5.75 -2.63
N ILE A 12 8.15 4.65 -1.87
CA ILE A 12 7.18 4.55 -0.79
C ILE A 12 7.29 5.71 0.21
N GLY A 13 8.53 6.00 0.61
CA GLY A 13 8.82 7.06 1.58
C GLY A 13 8.38 8.43 1.12
N ARG A 14 8.92 8.87 -0.01
CA ARG A 14 8.57 10.15 -0.62
C ARG A 14 7.07 10.22 -0.85
N ASN A 15 6.50 9.16 -1.41
CA ASN A 15 5.06 9.01 -1.57
C ASN A 15 4.25 9.29 -0.30
N PHE A 16 4.71 8.77 0.83
CA PHE A 16 4.06 9.02 2.12
C PHE A 16 4.15 10.49 2.49
N LEU A 17 5.30 11.08 2.23
CA LEU A 17 5.52 12.48 2.60
C LEU A 17 4.53 13.42 1.91
N ARG A 18 4.42 13.32 0.59
CA ARG A 18 3.50 14.15 -0.16
C ARG A 18 2.04 13.80 0.09
N CYS A 19 1.79 12.57 0.49
CA CYS A 19 0.46 12.14 0.88
C CYS A 19 0.05 12.83 2.18
N TRP A 20 0.89 12.68 3.21
CA TRP A 20 0.68 13.32 4.51
C TRP A 20 0.51 14.81 4.32
N HIS A 21 1.40 15.39 3.52
CA HIS A 21 1.45 16.82 3.35
C HIS A 21 0.19 17.42 2.73
N GLY A 22 -0.61 16.60 2.04
CA GLY A 22 -1.80 17.14 1.41
C GLY A 22 -3.05 17.07 2.25
N ARG A 23 -2.90 16.71 3.53
CA ARG A 23 -4.06 16.41 4.39
C ARG A 23 -4.67 17.60 5.11
N LYS A 24 -5.99 17.54 5.32
CA LYS A 24 -6.77 18.60 5.96
C LYS A 24 -6.13 19.08 7.26
N ASP A 25 -6.30 18.34 8.34
CA ASP A 25 -5.77 18.73 9.65
C ASP A 25 -4.97 17.57 10.23
N SER A 26 -3.84 17.28 9.62
CA SER A 26 -3.09 16.09 9.97
C SER A 26 -2.82 16.03 11.46
N PRO A 27 -3.12 14.88 12.09
CA PRO A 27 -2.68 14.67 13.47
C PRO A 27 -1.18 14.38 13.51
N LEU A 28 -0.58 14.23 12.33
CA LEU A 28 0.81 13.79 12.26
C LEU A 28 1.74 14.95 11.98
N ASP A 29 2.93 14.88 12.56
CA ASP A 29 4.01 15.78 12.23
C ASP A 29 5.25 14.97 11.88
N VAL A 30 5.75 15.18 10.66
CA VAL A 30 6.93 14.48 10.20
C VAL A 30 8.13 15.38 10.43
N VAL A 31 9.09 14.89 11.21
CA VAL A 31 10.24 15.70 11.60
C VAL A 31 11.57 15.21 11.05
N VAL A 32 11.64 13.92 10.70
CA VAL A 32 12.91 13.36 10.24
C VAL A 32 12.79 12.29 9.16
N ILE A 33 13.81 12.23 8.32
CA ILE A 33 13.94 11.23 7.27
C ILE A 33 15.32 10.59 7.39
N ASN A 34 15.36 9.26 7.40
CA ASN A 34 16.63 8.54 7.30
C ASN A 34 16.86 8.04 5.87
N ASP A 35 17.78 8.69 5.17
CA ASP A 35 18.10 8.30 3.80
C ASP A 35 19.59 8.44 3.52
N THR A 36 20.19 7.37 3.01
CA THR A 36 21.59 7.39 2.66
C THR A 36 21.87 8.16 1.37
N GLY A 37 20.81 8.40 0.59
CA GLY A 37 20.94 9.06 -0.71
C GLY A 37 21.52 10.47 -0.73
N GLY A 38 21.37 11.19 0.37
CA GLY A 38 21.82 12.57 0.44
C GLY A 38 20.68 13.56 0.35
N VAL A 39 20.95 14.79 0.76
CA VAL A 39 19.97 15.86 0.83
C VAL A 39 19.63 16.47 -0.53
N LYS A 40 20.64 16.64 -1.39
CA LYS A 40 20.38 17.14 -2.74
C LYS A 40 19.44 16.17 -3.46
N GLN A 41 19.83 14.91 -3.56
CA GLN A 41 18.97 13.91 -4.17
C GLN A 41 17.59 13.81 -3.55
N ALA A 42 17.48 13.83 -2.22
CA ALA A 42 16.18 13.63 -1.59
C ALA A 42 15.25 14.77 -1.95
N SER A 43 15.80 15.98 -1.98
CA SER A 43 15.05 17.15 -2.39
C SER A 43 14.51 17.00 -3.83
N HIS A 44 15.43 16.84 -4.76
CA HIS A 44 15.11 16.74 -6.18
C HIS A 44 14.04 15.69 -6.42
N LEU A 45 14.32 14.46 -5.98
CA LEU A 45 13.40 13.35 -6.17
C LEU A 45 12.08 13.56 -5.47
N LEU A 46 12.06 14.37 -4.42
CA LEU A 46 10.77 14.64 -3.77
C LEU A 46 9.95 15.61 -4.62
N LYS A 47 10.66 16.52 -5.27
CA LYS A 47 9.99 17.54 -6.06
C LYS A 47 9.49 16.99 -7.39
N TYR A 48 10.34 16.19 -8.06
CA TYR A 48 10.02 15.66 -9.39
C TYR A 48 9.81 14.14 -9.41
N ASP A 49 8.79 13.69 -10.13
CA ASP A 49 8.47 12.26 -10.21
C ASP A 49 7.65 11.94 -11.44
N SER A 50 8.03 10.91 -12.18
CA SER A 50 7.38 10.62 -13.45
C SER A 50 5.96 10.10 -13.29
N ILE A 51 5.63 9.59 -12.11
CA ILE A 51 4.34 8.93 -11.91
C ILE A 51 3.33 9.84 -11.21
N LEU A 52 3.77 10.43 -10.12
CA LEU A 52 2.95 11.34 -9.35
C LEU A 52 3.04 12.77 -9.90
N GLY A 53 4.00 13.03 -10.77
CA GLY A 53 4.14 14.36 -11.39
C GLY A 53 4.75 15.31 -10.40
N THR A 54 5.22 16.48 -10.86
CA THR A 54 5.76 17.52 -9.98
C THR A 54 4.90 17.81 -8.76
N PHE A 55 5.56 17.83 -7.61
CA PHE A 55 4.92 18.07 -6.32
C PHE A 55 4.58 19.55 -6.25
N ASP A 56 3.34 19.87 -5.85
CA ASP A 56 2.92 21.26 -5.81
C ASP A 56 3.34 21.90 -4.50
N ALA A 57 4.63 22.15 -4.36
CA ALA A 57 5.20 22.71 -3.13
C ALA A 57 6.59 23.29 -3.40
N ASP A 58 7.01 24.24 -2.58
CA ASP A 58 8.42 24.70 -2.56
C ASP A 58 9.31 23.67 -1.86
N VAL A 59 9.89 22.75 -2.61
CA VAL A 59 10.80 21.77 -2.02
C VAL A 59 12.23 22.20 -2.28
N LYS A 60 13.00 22.42 -1.22
CA LYS A 60 14.44 22.70 -1.38
C LYS A 60 15.28 22.29 -0.19
N THR A 61 16.59 22.23 -0.39
CA THR A 61 17.53 21.94 0.69
C THR A 61 17.55 23.08 1.70
N ALA A 62 17.67 22.72 2.97
CA ALA A 62 17.88 23.71 4.02
C ALA A 62 19.14 23.30 4.79
N GLY A 63 20.25 23.93 4.42
CA GLY A 63 21.57 23.47 4.82
C GLY A 63 21.84 22.11 4.22
N ASP A 64 22.58 21.28 4.94
CA ASP A 64 23.14 20.06 4.40
C ASP A 64 22.62 18.77 5.05
N SER A 65 21.70 18.89 6.00
CA SER A 65 21.10 17.72 6.66
C SER A 65 19.59 17.85 6.79
N ALA A 66 19.00 18.79 6.04
CA ALA A 66 17.56 19.03 6.07
C ALA A 66 16.98 19.52 4.73
N ILE A 67 15.71 19.24 4.51
CA ILE A 67 14.99 19.87 3.41
C ILE A 67 13.86 20.71 3.98
N SER A 68 13.54 21.81 3.32
CA SER A 68 12.29 22.51 3.59
C SER A 68 11.21 22.06 2.59
N VAL A 69 9.97 21.99 3.07
CA VAL A 69 8.80 21.90 2.22
C VAL A 69 7.88 23.05 2.61
N ASP A 70 7.73 24.02 1.71
CA ASP A 70 7.18 25.35 2.05
C ASP A 70 7.58 25.75 3.47
N GLY A 71 8.83 26.15 3.65
CA GLY A 71 9.30 26.57 4.96
C GLY A 71 9.49 25.42 5.94
N LYS A 72 8.45 24.63 6.14
CA LYS A 72 8.50 23.50 7.07
C LYS A 72 9.77 22.67 6.88
N VAL A 73 10.74 22.86 7.77
CA VAL A 73 12.02 22.15 7.72
C VAL A 73 11.81 20.73 8.20
N ILE A 74 12.24 19.76 7.40
CA ILE A 74 12.31 18.38 7.84
C ILE A 74 13.78 17.98 7.95
N LYS A 75 14.13 17.28 9.03
CA LYS A 75 15.49 16.83 9.25
C LYS A 75 15.82 15.59 8.42
N VAL A 76 17.07 15.47 8.02
CA VAL A 76 17.53 14.30 7.27
C VAL A 76 18.83 13.74 7.86
N VAL A 77 18.73 12.51 8.37
CA VAL A 77 19.86 11.77 8.93
C VAL A 77 20.22 10.59 8.03
N SER A 78 21.37 9.97 8.24
CA SER A 78 21.88 9.00 7.26
C SER A 78 22.75 7.86 7.79
N ASP A 79 22.13 6.96 8.55
CA ASP A 79 22.78 5.70 8.91
C ASP A 79 22.17 4.52 8.16
N ARG A 80 23.03 3.59 7.75
CA ARG A 80 22.61 2.33 7.14
C ARG A 80 22.04 1.37 8.19
N ASN A 81 22.70 1.31 9.35
CA ASN A 81 22.32 0.41 10.46
C ASN A 81 21.38 1.09 11.47
N PRO A 82 20.10 0.71 11.45
CA PRO A 82 19.00 1.35 12.20
C PRO A 82 19.18 1.50 13.71
N VAL A 83 19.98 0.65 14.34
CA VAL A 83 20.17 0.68 15.80
C VAL A 83 20.84 1.98 16.25
N ASN A 84 21.47 2.65 15.29
CA ASN A 84 22.22 3.88 15.53
C ASN A 84 21.36 5.13 15.59
N LEU A 85 20.54 5.34 14.55
CA LEU A 85 19.62 6.49 14.41
C LEU A 85 19.19 7.17 15.71
N PRO A 86 19.27 8.49 15.74
CA PRO A 86 18.99 9.26 16.96
C PRO A 86 17.49 9.40 17.20
N TRP A 87 16.77 8.29 17.12
CA TRP A 87 15.34 8.28 17.43
C TRP A 87 15.09 8.71 18.87
N GLY A 88 15.54 7.91 19.82
CA GLY A 88 15.45 8.25 21.23
C GLY A 88 15.62 9.73 21.47
N ASP A 89 16.77 10.26 21.09
CA ASP A 89 17.11 11.65 21.38
C ASP A 89 16.10 12.61 20.77
N MET A 90 15.57 12.24 19.61
CA MET A 90 14.61 13.09 18.90
C MET A 90 13.18 12.77 19.31
N GLY A 91 13.03 11.80 20.21
CA GLY A 91 11.73 11.51 20.80
C GLY A 91 10.73 11.03 19.78
N ILE A 92 11.18 10.22 18.82
CA ILE A 92 10.31 9.69 17.78
C ILE A 92 9.30 8.71 18.36
N ASP A 93 8.06 8.80 17.88
CA ASP A 93 6.98 7.95 18.37
C ASP A 93 6.65 6.84 17.37
N LEU A 94 6.64 7.20 16.09
CA LEU A 94 6.21 6.28 15.05
C LEU A 94 7.17 6.32 13.86
N VAL A 95 7.74 5.17 13.52
CA VAL A 95 8.61 5.05 12.35
C VAL A 95 7.87 4.44 11.17
N ILE A 96 7.87 5.13 10.04
CA ILE A 96 7.36 4.52 8.83
C ILE A 96 8.53 3.75 8.21
N GLU A 97 8.44 2.42 8.22
CA GLU A 97 9.53 1.61 7.72
C GLU A 97 9.32 1.27 6.25
N GLY A 98 9.98 2.01 5.38
CA GLY A 98 9.77 1.87 3.95
C GLY A 98 10.93 1.37 3.13
N THR A 99 11.94 0.82 3.78
CA THR A 99 13.13 0.32 3.11
C THR A 99 12.87 -1.00 2.39
N GLY A 100 11.90 -1.75 2.91
CA GLY A 100 11.48 -3.04 2.35
C GLY A 100 12.26 -4.23 2.89
N VAL A 101 13.42 -3.97 3.45
CA VAL A 101 14.34 -5.03 3.89
C VAL A 101 14.02 -5.54 5.30
N PHE A 102 13.65 -4.64 6.20
CA PHE A 102 13.47 -4.99 7.61
C PHE A 102 12.03 -5.38 7.93
N VAL A 103 11.60 -6.52 7.37
CA VAL A 103 10.21 -6.97 7.47
C VAL A 103 9.88 -7.88 8.65
N ASP A 104 10.89 -8.53 9.24
CA ASP A 104 10.65 -9.40 10.41
C ASP A 104 10.69 -8.64 11.75
N ARG A 105 10.34 -9.33 12.83
CA ARG A 105 10.38 -8.73 14.16
C ARG A 105 11.82 -8.52 14.60
N ASP A 106 12.73 -9.17 13.89
CA ASP A 106 14.16 -9.17 14.21
C ASP A 106 14.91 -8.08 13.44
N GLY A 107 14.42 -7.76 12.25
CA GLY A 107 14.97 -6.65 11.47
C GLY A 107 14.31 -5.33 11.84
N ALA A 108 12.99 -5.30 11.86
CA ALA A 108 12.23 -4.12 12.25
C ALA A 108 12.40 -3.82 13.73
N GLY A 109 12.67 -4.86 14.51
CA GLY A 109 12.91 -4.74 15.95
C GLY A 109 14.08 -3.82 16.26
N LYS A 110 14.95 -3.62 15.27
CA LYS A 110 16.12 -2.76 15.42
C LYS A 110 15.76 -1.28 15.63
N HIS A 111 14.56 -0.89 15.21
CA HIS A 111 14.12 0.50 15.35
C HIS A 111 13.80 0.88 16.79
N LEU A 112 13.25 -0.07 17.53
CA LEU A 112 12.91 0.16 18.93
C LEU A 112 14.17 0.08 19.81
N GLN A 113 15.27 -0.31 19.18
CA GLN A 113 16.58 -0.28 19.83
C GLN A 113 17.15 1.13 19.81
N ALA A 114 16.86 1.87 18.74
CA ALA A 114 17.27 3.27 18.62
C ALA A 114 16.42 4.13 19.57
N GLY A 115 15.35 3.47 20.10
CA GLY A 115 14.50 4.10 21.11
C GLY A 115 13.27 4.71 20.45
N ALA A 116 12.67 3.97 19.52
CA ALA A 116 11.42 4.39 18.90
C ALA A 116 10.24 3.57 19.44
N LYS A 117 9.10 4.23 19.59
CA LYS A 117 8.02 3.72 20.42
C LYS A 117 7.13 2.75 19.65
N LYS A 118 6.94 3.03 18.37
CA LYS A 118 6.15 2.16 17.50
C LYS A 118 6.69 2.17 16.08
N VAL A 119 6.52 1.05 15.38
CA VAL A 119 6.98 0.94 13.99
C VAL A 119 5.83 0.47 13.11
N LEU A 120 5.73 1.09 11.93
CA LEU A 120 4.75 0.71 10.94
C LEU A 120 5.51 0.26 9.70
N ILE A 121 5.40 -1.02 9.36
CA ILE A 121 6.06 -1.51 8.14
C ILE A 121 5.12 -1.41 6.95
N THR A 122 5.67 -0.95 5.84
CA THR A 122 4.90 -0.72 4.63
C THR A 122 4.88 -1.96 3.73
N ALA A 123 5.06 -3.13 4.33
CA ALA A 123 5.11 -4.39 3.60
C ALA A 123 4.71 -5.54 4.51
N PRO A 124 4.23 -6.67 3.94
CA PRO A 124 3.92 -7.83 4.77
C PRO A 124 5.13 -8.27 5.59
N GLY A 125 4.88 -8.72 6.80
CA GLY A 125 5.93 -9.26 7.65
C GLY A 125 6.03 -10.76 7.50
N LYS A 126 7.10 -11.32 8.05
CA LYS A 126 7.33 -12.77 8.10
C LYS A 126 6.89 -13.34 9.45
N GLY A 127 5.58 -13.46 9.66
CA GLY A 127 4.99 -14.12 10.81
C GLY A 127 5.16 -13.41 12.15
N ASP A 128 4.22 -13.65 13.06
CA ASP A 128 4.23 -13.06 14.41
C ASP A 128 3.94 -11.55 14.39
N ILE A 129 3.94 -10.97 13.20
CA ILE A 129 3.70 -9.53 12.97
C ILE A 129 2.28 -9.29 12.48
N PRO A 130 1.47 -8.54 13.24
CA PRO A 130 0.09 -8.27 12.83
C PRO A 130 -0.02 -7.35 11.61
N THR A 131 -0.61 -7.85 10.54
CA THR A 131 -0.92 -6.98 9.41
C THR A 131 -2.27 -6.31 9.64
N TYR A 132 -2.45 -5.13 9.08
CA TYR A 132 -3.71 -4.38 9.18
C TYR A 132 -4.07 -3.73 7.87
N VAL A 133 -5.37 -3.73 7.56
CA VAL A 133 -5.86 -3.07 6.36
C VAL A 133 -7.05 -2.21 6.74
N VAL A 134 -6.95 -0.91 6.50
CA VAL A 134 -8.02 0.03 6.84
C VAL A 134 -9.25 -0.32 5.99
N GLY A 135 -10.40 -0.47 6.64
CA GLY A 135 -11.63 -0.90 5.96
C GLY A 135 -11.91 -2.38 6.19
N VAL A 136 -10.88 -3.13 6.57
CA VAL A 136 -11.01 -4.57 6.68
C VAL A 136 -10.95 -5.01 8.14
N ASN A 137 -9.86 -4.72 8.83
CA ASN A 137 -9.71 -5.16 10.22
C ASN A 137 -9.11 -4.13 11.16
N GLU A 138 -9.09 -2.87 10.72
CA GLU A 138 -8.48 -1.79 11.49
C GLU A 138 -9.01 -1.69 12.91
N GLU A 139 -10.24 -2.16 13.13
CA GLU A 139 -10.85 -2.14 14.47
C GLU A 139 -9.97 -2.86 15.50
N GLY A 140 -9.23 -3.87 15.06
CA GLY A 140 -8.45 -4.72 15.95
C GLY A 140 -7.09 -4.21 16.43
N TYR A 141 -6.72 -3.00 16.03
CA TYR A 141 -5.44 -2.42 16.46
C TYR A 141 -5.43 -2.03 17.94
N THR A 142 -4.69 -2.78 18.74
CA THR A 142 -4.42 -2.44 20.14
C THR A 142 -3.31 -1.40 20.16
N HIS A 143 -3.21 -0.61 21.22
CA HIS A 143 -2.08 0.32 21.31
C HIS A 143 -0.82 -0.42 21.71
N ALA A 144 -0.99 -1.54 22.43
CA ALA A 144 0.13 -2.41 22.83
C ALA A 144 1.03 -2.82 21.67
N ASP A 145 0.49 -2.83 20.45
CA ASP A 145 1.25 -3.24 19.29
C ASP A 145 2.39 -2.26 19.01
N THR A 146 3.61 -2.78 19.07
CA THR A 146 4.82 -2.00 18.84
C THR A 146 5.24 -2.07 17.37
N ILE A 147 4.96 -3.20 16.74
CA ILE A 147 5.27 -3.44 15.32
C ILE A 147 4.01 -3.89 14.57
N ILE A 148 3.63 -3.10 13.58
CA ILE A 148 2.46 -3.40 12.74
C ILE A 148 2.80 -3.32 11.25
N SER A 149 2.01 -4.02 10.45
CA SER A 149 2.19 -4.04 9.01
C SER A 149 0.96 -3.51 8.26
N ASN A 150 1.13 -3.21 6.99
CA ASN A 150 0.05 -2.67 6.19
C ASN A 150 -0.18 -3.52 4.93
N ALA A 151 0.56 -4.62 4.84
CA ALA A 151 0.45 -5.60 3.75
C ALA A 151 0.88 -5.05 2.40
N SER A 152 0.62 -5.81 1.34
CA SER A 152 0.89 -5.32 -0.01
C SER A 152 -0.26 -4.40 -0.45
N CYS A 153 0.00 -3.56 -1.43
CA CYS A 153 -1.02 -2.64 -1.89
C CYS A 153 -2.03 -3.41 -2.73
N THR A 154 -1.63 -4.61 -3.16
CA THR A 154 -2.52 -5.53 -3.86
C THR A 154 -3.52 -6.07 -2.87
N THR A 155 -3.03 -6.49 -1.70
CA THR A 155 -3.89 -6.94 -0.61
C THR A 155 -4.75 -5.77 -0.15
N ASN A 156 -4.21 -4.57 -0.18
CA ASN A 156 -4.98 -3.39 0.15
C ASN A 156 -6.07 -3.11 -0.86
N CYS A 157 -5.85 -3.57 -2.09
CA CYS A 157 -6.89 -3.46 -3.09
C CYS A 157 -7.94 -4.54 -2.94
N LEU A 158 -7.48 -5.75 -2.63
CA LEU A 158 -8.28 -6.94 -2.80
C LEU A 158 -9.13 -7.22 -1.58
N ALA A 159 -8.55 -7.04 -0.40
CA ALA A 159 -9.22 -7.35 0.85
C ALA A 159 -10.57 -6.64 1.04
N PRO A 160 -10.64 -5.34 0.71
CA PRO A 160 -11.91 -4.67 0.95
C PRO A 160 -13.09 -5.35 0.25
N PHE A 161 -13.00 -5.61 -1.05
CA PHE A 161 -14.17 -6.19 -1.71
C PHE A 161 -14.33 -7.68 -1.51
N VAL A 162 -13.23 -8.35 -1.25
CA VAL A 162 -13.31 -9.73 -0.81
C VAL A 162 -14.12 -9.79 0.47
N LYS A 163 -13.96 -8.80 1.34
CA LYS A 163 -14.76 -8.71 2.55
C LYS A 163 -16.21 -8.71 2.16
N VAL A 164 -16.62 -7.69 1.39
CA VAL A 164 -17.98 -7.55 0.91
C VAL A 164 -18.54 -8.83 0.31
N LEU A 165 -17.80 -9.43 -0.62
CA LEU A 165 -18.19 -10.68 -1.24
C LEU A 165 -18.40 -11.75 -0.18
N ASP A 166 -17.42 -11.89 0.72
CA ASP A 166 -17.48 -12.93 1.73
C ASP A 166 -18.68 -12.71 2.64
N GLN A 167 -18.82 -11.49 3.15
CA GLN A 167 -19.91 -11.13 4.05
C GLN A 167 -21.28 -11.44 3.44
N LYS A 168 -21.42 -11.18 2.14
CA LYS A 168 -22.75 -11.13 1.50
C LYS A 168 -23.15 -12.35 0.66
N PHE A 169 -22.19 -13.02 0.04
CA PHE A 169 -22.49 -14.21 -0.78
C PHE A 169 -21.75 -15.44 -0.27
N GLY A 170 -20.61 -15.21 0.36
CA GLY A 170 -19.88 -16.27 1.05
C GLY A 170 -18.98 -16.98 0.08
N ILE A 171 -17.73 -16.54 0.03
CA ILE A 171 -16.71 -17.17 -0.81
C ILE A 171 -16.48 -18.61 -0.33
N ILE A 172 -16.50 -19.54 -1.28
CA ILE A 172 -16.19 -20.94 -1.00
C ILE A 172 -14.73 -21.19 -1.40
N LYS A 173 -14.42 -20.88 -2.65
CA LYS A 173 -13.08 -21.01 -3.16
C LYS A 173 -12.99 -19.99 -4.27
N GLY A 174 -11.78 -19.65 -4.68
CA GLY A 174 -11.58 -18.62 -5.69
C GLY A 174 -10.12 -18.39 -6.00
N THR A 175 -9.88 -17.71 -7.10
CA THR A 175 -8.56 -17.60 -7.68
C THR A 175 -8.46 -16.25 -8.35
N MET A 176 -7.25 -15.77 -8.57
CA MET A 176 -7.13 -14.39 -8.94
C MET A 176 -5.83 -13.98 -9.61
N THR A 177 -5.95 -13.16 -10.66
CA THR A 177 -4.79 -12.71 -11.40
C THR A 177 -4.71 -11.22 -11.16
N THR A 178 -3.49 -10.73 -10.96
CA THR A 178 -3.26 -9.29 -10.83
C THR A 178 -2.43 -8.77 -12.00
N THR A 179 -3.11 -8.36 -13.06
CA THR A 179 -2.53 -7.45 -14.04
C THR A 179 -1.96 -6.20 -13.37
N HIS A 180 -0.63 -6.10 -13.35
CA HIS A 180 0.05 -5.20 -12.42
C HIS A 180 1.05 -4.32 -13.15
N SER A 181 1.04 -3.02 -12.83
CA SER A 181 2.00 -2.09 -13.38
C SER A 181 3.39 -2.55 -12.99
N TYR A 182 4.36 -2.40 -13.88
CA TYR A 182 5.69 -2.90 -13.57
C TYR A 182 6.26 -2.18 -12.36
N THR A 183 7.27 -2.79 -11.77
CA THR A 183 7.65 -2.42 -10.42
C THR A 183 9.18 -2.37 -10.28
N GLY A 184 9.65 -1.60 -9.30
CA GLY A 184 11.04 -1.16 -9.24
C GLY A 184 12.11 -2.22 -9.40
N ASP A 185 11.86 -3.40 -8.85
CA ASP A 185 12.90 -4.42 -8.74
C ASP A 185 13.12 -5.18 -10.04
N GLN A 186 12.16 -5.07 -10.97
CA GLN A 186 12.28 -5.67 -12.29
C GLN A 186 13.40 -5.06 -13.15
N ARG A 187 13.67 -5.71 -14.28
CA ARG A 187 14.84 -5.36 -15.08
C ARG A 187 14.50 -4.55 -16.31
N LEU A 188 15.17 -3.42 -16.45
CA LEU A 188 15.01 -2.58 -17.62
C LEU A 188 15.41 -3.37 -18.87
N LEU A 189 16.60 -3.96 -18.84
CA LEU A 189 17.02 -4.91 -19.87
C LEU A 189 17.29 -6.29 -19.26
N ASP A 190 17.20 -7.35 -20.08
CA ASP A 190 17.45 -8.71 -19.62
C ASP A 190 18.80 -8.79 -18.92
N ALA A 191 18.72 -9.08 -17.62
CA ALA A 191 19.88 -9.13 -16.72
C ALA A 191 19.59 -9.93 -15.44
N SER A 192 20.62 -10.11 -14.61
CA SER A 192 20.59 -10.91 -13.38
C SER A 192 19.49 -10.58 -12.36
N HIS A 193 18.77 -11.61 -11.91
CA HIS A 193 17.65 -11.46 -10.96
C HIS A 193 17.33 -12.84 -10.42
N ARG A 194 17.09 -12.95 -9.11
CA ARG A 194 16.76 -14.25 -8.50
C ARG A 194 15.60 -14.94 -9.21
N ASP A 195 14.61 -14.15 -9.62
CA ASP A 195 13.51 -14.65 -10.42
C ASP A 195 13.90 -14.53 -11.90
N LEU A 196 14.04 -15.66 -12.59
CA LEU A 196 14.36 -15.63 -14.03
C LEU A 196 13.25 -14.99 -14.90
N ARG A 197 12.03 -14.98 -14.40
CA ARG A 197 10.95 -14.24 -15.05
C ARG A 197 11.21 -12.73 -14.94
N ARG A 198 11.76 -12.32 -13.79
CA ARG A 198 11.86 -10.90 -13.45
C ARG A 198 13.18 -10.31 -13.90
N ALA A 199 14.06 -11.17 -14.39
CA ALA A 199 15.30 -10.72 -14.99
C ALA A 199 15.04 -9.98 -16.30
N ARG A 200 13.82 -10.05 -16.81
CA ARG A 200 13.58 -9.76 -18.21
C ARG A 200 12.97 -8.37 -18.46
N ALA A 201 13.39 -7.75 -19.56
CA ALA A 201 12.97 -6.41 -19.94
C ALA A 201 11.54 -6.10 -19.54
N ALA A 202 11.38 -5.11 -18.66
CA ALA A 202 10.08 -4.84 -18.05
C ALA A 202 9.15 -4.16 -19.04
N CYS A 203 9.73 -3.36 -19.94
CA CYS A 203 8.98 -2.50 -20.84
C CYS A 203 8.59 -3.27 -22.11
N LEU A 204 9.07 -4.50 -22.27
CA LEU A 204 8.76 -5.23 -23.48
C LEU A 204 7.87 -6.45 -23.24
N ASN A 205 7.62 -6.74 -21.96
CA ASN A 205 7.13 -8.07 -21.57
C ASN A 205 5.87 -7.99 -20.72
N ILE A 206 4.92 -8.87 -21.01
CA ILE A 206 4.08 -9.46 -19.97
C ILE A 206 4.85 -10.50 -19.16
N VAL A 207 5.23 -10.14 -17.94
CA VAL A 207 6.03 -11.00 -17.10
C VAL A 207 5.21 -11.57 -15.95
N PRO A 208 5.09 -12.90 -15.91
CA PRO A 208 4.37 -13.59 -14.83
C PRO A 208 5.20 -13.60 -13.55
N THR A 209 4.57 -13.46 -12.40
CA THR A 209 5.25 -13.59 -11.09
C THR A 209 4.28 -14.10 -10.04
N SER A 210 4.85 -14.57 -8.93
CA SER A 210 4.08 -14.91 -7.74
C SER A 210 3.60 -13.63 -7.07
N THR A 211 2.41 -13.70 -6.48
CA THR A 211 1.87 -12.62 -5.65
C THR A 211 1.60 -13.13 -4.24
N GLY A 212 1.96 -12.33 -3.23
CA GLY A 212 1.70 -12.71 -1.84
C GLY A 212 0.24 -12.53 -1.51
N ALA A 213 -0.39 -11.67 -2.29
CA ALA A 213 -1.71 -11.10 -2.03
C ALA A 213 -2.85 -12.06 -1.68
N ALA A 214 -2.84 -13.27 -2.26
CA ALA A 214 -3.95 -14.19 -2.05
C ALA A 214 -3.91 -14.83 -0.67
N LYS A 215 -2.81 -15.48 -0.33
CA LYS A 215 -2.63 -16.00 1.02
C LYS A 215 -2.65 -14.84 2.02
N ALA A 216 -2.01 -13.73 1.66
CA ALA A 216 -1.95 -12.53 2.49
C ALA A 216 -3.33 -12.02 2.93
N VAL A 217 -4.34 -12.15 2.07
CA VAL A 217 -5.71 -11.81 2.41
C VAL A 217 -6.16 -12.55 3.66
N ALA A 218 -5.88 -13.85 3.73
CA ALA A 218 -6.29 -14.69 4.87
C ALA A 218 -5.88 -14.10 6.22
N LEU A 219 -4.75 -13.43 6.24
CA LEU A 219 -4.24 -12.77 7.45
C LEU A 219 -5.18 -11.72 8.03
N VAL A 220 -5.93 -11.05 7.16
CA VAL A 220 -6.84 -9.99 7.58
C VAL A 220 -8.31 -10.39 7.51
N LEU A 221 -8.59 -11.48 6.82
CA LEU A 221 -9.92 -12.04 6.72
C LEU A 221 -9.87 -13.55 7.01
N PRO A 222 -9.70 -13.93 8.29
CA PRO A 222 -9.27 -15.29 8.58
C PRO A 222 -10.19 -16.33 7.96
N ASN A 223 -11.44 -15.93 7.75
CA ASN A 223 -12.46 -16.84 7.24
C ASN A 223 -12.05 -17.43 5.89
N LEU A 224 -11.03 -16.84 5.28
CA LEU A 224 -10.63 -17.22 3.93
C LEU A 224 -9.32 -18.00 3.85
N LYS A 225 -8.83 -18.52 4.98
CA LYS A 225 -7.59 -19.29 4.99
C LYS A 225 -7.66 -20.41 3.95
N GLY A 226 -6.63 -20.49 3.12
CA GLY A 226 -6.54 -21.50 2.07
C GLY A 226 -7.72 -21.61 1.11
N LYS A 227 -8.42 -20.51 0.88
CA LYS A 227 -9.54 -20.49 -0.08
C LYS A 227 -9.17 -19.76 -1.37
N LEU A 228 -8.07 -19.02 -1.34
CA LEU A 228 -7.62 -18.23 -2.49
C LEU A 228 -6.18 -18.52 -2.88
N ASN A 229 -5.91 -18.40 -4.19
CA ASN A 229 -4.56 -18.47 -4.75
C ASN A 229 -4.47 -17.42 -5.84
N GLY A 230 -3.27 -17.07 -6.27
CA GLY A 230 -3.14 -16.00 -7.25
C GLY A 230 -1.91 -16.08 -8.10
N ILE A 231 -1.84 -15.21 -9.10
CA ILE A 231 -0.62 -14.97 -9.84
C ILE A 231 -0.64 -13.52 -10.26
N ALA A 232 0.51 -12.95 -10.57
CA ALA A 232 0.54 -11.60 -11.13
C ALA A 232 1.13 -11.62 -12.52
N LEU A 233 0.70 -10.68 -13.35
CA LEU A 233 1.38 -10.45 -14.61
C LEU A 233 1.79 -9.00 -14.60
N ARG A 234 3.09 -8.73 -14.51
CA ARG A 234 3.59 -7.38 -14.62
C ARG A 234 3.41 -6.97 -16.07
N VAL A 235 2.90 -5.77 -16.32
CA VAL A 235 2.79 -5.25 -17.70
C VAL A 235 3.44 -3.89 -17.86
N PRO A 236 3.78 -3.50 -19.10
CA PRO A 236 4.45 -2.20 -19.29
C PRO A 236 3.54 -0.96 -19.17
N THR A 237 2.77 -0.83 -18.09
CA THR A 237 2.23 0.45 -17.68
C THR A 237 2.87 0.76 -16.34
N PRO A 238 3.16 2.04 -16.11
CA PRO A 238 4.05 2.44 -15.02
C PRO A 238 3.36 2.34 -13.65
N ASN A 239 2.04 2.51 -13.67
CA ASN A 239 1.28 2.70 -12.46
C ASN A 239 -0.19 2.54 -12.79
N VAL A 240 -0.95 2.09 -11.81
CA VAL A 240 -2.30 1.60 -12.04
C VAL A 240 -2.36 0.17 -12.52
N SER A 241 -2.95 -0.64 -11.64
CA SER A 241 -2.95 -2.09 -11.69
C SER A 241 -4.38 -2.56 -11.58
N VAL A 242 -4.68 -3.80 -12.03
CA VAL A 242 -6.03 -4.30 -11.93
C VAL A 242 -6.02 -5.69 -11.34
N VAL A 243 -6.98 -5.98 -10.46
CA VAL A 243 -7.14 -7.33 -9.93
C VAL A 243 -8.32 -8.04 -10.60
N ASP A 244 -8.11 -9.31 -10.96
CA ASP A 244 -9.08 -10.04 -11.76
C ASP A 244 -9.55 -11.30 -11.04
N LEU A 245 -10.50 -11.14 -10.12
CA LEU A 245 -10.79 -12.14 -9.12
C LEU A 245 -11.99 -12.99 -9.50
N VAL A 246 -11.79 -14.30 -9.54
CA VAL A 246 -12.89 -15.24 -9.78
C VAL A 246 -13.13 -16.04 -8.53
N VAL A 247 -14.35 -15.99 -8.01
CA VAL A 247 -14.72 -16.79 -6.85
C VAL A 247 -15.98 -17.60 -7.11
N GLN A 248 -16.17 -18.64 -6.30
CA GLN A 248 -17.40 -19.37 -6.30
C GLN A 248 -18.00 -19.05 -4.93
N VAL A 249 -19.25 -18.63 -4.93
CA VAL A 249 -19.93 -18.21 -3.73
C VAL A 249 -21.00 -19.23 -3.40
N SER A 250 -21.61 -19.13 -2.22
CA SER A 250 -22.66 -20.09 -1.87
C SER A 250 -24.07 -19.56 -2.14
N LYS A 251 -24.24 -18.24 -2.08
CA LYS A 251 -25.54 -17.63 -2.40
C LYS A 251 -25.68 -17.34 -3.90
N LYS A 252 -26.55 -18.10 -4.57
CA LYS A 252 -26.80 -17.90 -6.01
C LYS A 252 -27.10 -16.43 -6.24
N THR A 253 -26.41 -15.80 -7.17
CA THR A 253 -26.52 -14.36 -7.41
C THR A 253 -26.48 -14.03 -8.90
N PHE A 254 -26.35 -12.76 -9.26
CA PHE A 254 -26.19 -12.34 -10.66
C PHE A 254 -25.41 -11.03 -10.75
N ALA A 255 -24.81 -10.73 -11.91
CA ALA A 255 -23.82 -9.65 -12.00
C ALA A 255 -24.30 -8.37 -11.35
N GLU A 256 -25.56 -8.02 -11.64
CA GLU A 256 -26.13 -6.78 -11.20
C GLU A 256 -26.29 -6.70 -9.69
N GLU A 257 -26.54 -7.85 -9.05
CA GLU A 257 -26.77 -7.87 -7.60
C GLU A 257 -25.47 -7.72 -6.85
N VAL A 258 -24.42 -8.33 -7.39
CA VAL A 258 -23.09 -8.17 -6.84
C VAL A 258 -22.76 -6.68 -6.81
N ASN A 259 -22.72 -6.05 -7.98
CA ASN A 259 -22.45 -4.62 -8.05
C ASN A 259 -23.25 -3.75 -7.08
N ALA A 260 -24.51 -4.09 -6.85
CA ALA A 260 -25.30 -3.37 -5.86
C ALA A 260 -24.70 -3.45 -4.46
N ALA A 261 -24.03 -4.56 -4.15
CA ALA A 261 -23.53 -4.83 -2.81
C ALA A 261 -22.29 -4.00 -2.55
N PHE A 262 -21.53 -3.78 -3.61
CA PHE A 262 -20.32 -2.98 -3.53
C PHE A 262 -20.74 -1.53 -3.33
N ARG A 263 -21.59 -1.01 -4.20
CA ARG A 263 -22.21 0.32 -4.00
C ARG A 263 -22.77 0.48 -2.59
N GLU A 264 -23.49 -0.51 -2.07
CA GLU A 264 -23.98 -0.48 -0.70
C GLU A 264 -22.84 -0.09 0.26
N SER A 265 -21.66 -0.69 0.06
CA SER A 265 -20.54 -0.52 0.97
C SER A 265 -19.72 0.74 0.67
N ALA A 266 -19.61 1.07 -0.62
CA ALA A 266 -18.91 2.27 -1.07
C ALA A 266 -19.54 3.56 -0.53
N ASP A 267 -20.81 3.49 -0.18
CA ASP A 267 -21.51 4.66 0.34
C ASP A 267 -21.58 4.60 1.86
N ASN A 268 -21.20 3.46 2.42
CA ASN A 268 -21.26 3.26 3.87
C ASN A 268 -19.94 2.86 4.55
N GLU A 269 -19.77 1.56 4.85
CA GLU A 269 -18.65 1.10 5.69
C GLU A 269 -17.29 1.23 5.01
N LEU A 270 -17.30 1.51 3.70
CA LEU A 270 -16.07 1.61 2.93
C LEU A 270 -16.01 2.91 2.15
N LYS A 271 -16.78 3.92 2.58
CA LYS A 271 -16.74 5.20 1.89
C LYS A 271 -15.33 5.73 2.02
N GLY A 272 -14.73 6.07 0.89
CA GLY A 272 -13.35 6.56 0.85
C GLY A 272 -12.33 5.46 0.66
N ILE A 273 -12.75 4.20 0.81
CA ILE A 273 -11.88 3.05 0.63
C ILE A 273 -12.21 2.26 -0.64
N LEU A 274 -13.48 1.92 -0.81
CA LEU A 274 -13.95 1.29 -2.04
C LEU A 274 -14.85 2.24 -2.83
N SER A 275 -14.68 2.26 -4.14
CA SER A 275 -15.56 2.96 -5.07
C SER A 275 -16.13 1.96 -6.05
N VAL A 276 -17.24 2.34 -6.68
CA VAL A 276 -17.74 1.60 -7.83
C VAL A 276 -17.87 2.54 -9.04
N CYS A 277 -17.17 2.20 -10.11
CA CYS A 277 -17.19 2.99 -11.34
C CYS A 277 -18.11 2.42 -12.41
N ASP A 278 -19.06 3.25 -12.85
CA ASP A 278 -20.06 2.84 -13.83
C ASP A 278 -19.75 3.42 -15.21
N GLU A 279 -18.53 3.96 -15.35
CA GLU A 279 -18.06 4.65 -16.55
C GLU A 279 -17.04 3.79 -17.29
N PRO A 280 -17.04 3.87 -18.64
CA PRO A 280 -16.11 3.06 -19.45
C PRO A 280 -14.72 3.68 -19.45
N LEU A 281 -14.03 3.60 -18.31
CA LEU A 281 -12.73 4.28 -18.21
C LEU A 281 -11.59 3.32 -18.51
N VAL A 282 -10.40 3.86 -18.69
CA VAL A 282 -9.23 3.02 -18.91
C VAL A 282 -8.24 3.22 -17.76
N SER A 283 -7.19 2.42 -17.72
CA SER A 283 -6.33 2.35 -16.54
C SER A 283 -5.86 3.71 -16.01
N ILE A 284 -5.56 4.62 -16.94
CA ILE A 284 -4.86 5.84 -16.60
C ILE A 284 -5.84 6.89 -16.09
N ASP A 285 -7.09 6.48 -15.91
CA ASP A 285 -8.09 7.36 -15.33
C ASP A 285 -8.14 7.19 -13.82
N PHE A 286 -7.46 6.18 -13.31
CA PHE A 286 -7.46 5.89 -11.89
C PHE A 286 -6.19 6.39 -11.21
N ARG A 287 -5.29 6.98 -11.98
CA ARG A 287 -4.15 7.74 -11.49
C ARG A 287 -4.62 8.69 -10.42
N CYS A 288 -3.94 8.69 -9.28
CA CYS A 288 -4.15 9.69 -8.24
C CYS A 288 -5.54 9.70 -7.57
N THR A 289 -6.25 8.59 -7.67
CA THR A 289 -7.49 8.41 -6.93
C THR A 289 -7.15 8.02 -5.50
N ASP A 290 -7.97 8.49 -4.56
CA ASP A 290 -7.69 8.31 -3.13
C ASP A 290 -8.15 6.98 -2.53
N VAL A 291 -8.80 6.13 -3.31
CA VAL A 291 -9.36 4.90 -2.73
C VAL A 291 -8.47 3.66 -2.97
N SER A 292 -8.55 2.68 -2.07
CA SER A 292 -7.81 1.43 -2.18
C SER A 292 -8.17 0.65 -3.44
N SER A 293 -9.41 0.78 -3.89
CA SER A 293 -9.96 -0.19 -4.82
C SER A 293 -11.20 0.40 -5.47
N THR A 294 -11.22 0.43 -6.80
CA THR A 294 -12.43 0.82 -7.55
C THR A 294 -12.92 -0.35 -8.38
N ILE A 295 -14.16 -0.77 -8.15
CA ILE A 295 -14.78 -1.84 -8.93
C ILE A 295 -15.20 -1.31 -10.30
N ASP A 296 -14.82 -2.02 -11.36
CA ASP A 296 -15.28 -1.68 -12.69
C ASP A 296 -16.60 -2.41 -12.96
N SER A 297 -17.71 -1.74 -12.69
CA SER A 297 -19.04 -2.39 -12.60
C SER A 297 -19.57 -2.99 -13.90
N SER A 298 -19.28 -2.32 -15.01
CA SER A 298 -19.62 -2.84 -16.31
C SER A 298 -18.98 -4.20 -16.59
N LEU A 299 -17.93 -4.54 -15.84
CA LEU A 299 -17.16 -5.74 -16.13
C LEU A 299 -17.51 -6.96 -15.26
N THR A 300 -18.20 -6.71 -14.16
CA THR A 300 -18.61 -7.79 -13.26
C THR A 300 -19.41 -8.79 -14.06
N MET A 301 -19.11 -10.07 -13.91
CA MET A 301 -19.90 -11.15 -14.51
C MET A 301 -20.16 -12.26 -13.53
N VAL A 302 -21.28 -12.92 -13.72
CA VAL A 302 -21.64 -14.09 -12.95
C VAL A 302 -21.99 -15.19 -13.93
N MET A 303 -21.14 -16.21 -13.99
CA MET A 303 -21.53 -17.50 -14.56
C MET A 303 -21.52 -18.59 -13.49
N GLY A 304 -22.65 -18.75 -12.81
CA GLY A 304 -23.85 -19.30 -13.43
C GLY A 304 -24.32 -20.57 -12.75
N ASP A 305 -24.68 -20.45 -11.48
CA ASP A 305 -25.24 -19.21 -10.96
C ASP A 305 -24.34 -18.60 -9.89
N ASP A 306 -23.18 -19.22 -9.68
CA ASP A 306 -22.41 -19.03 -8.45
C ASP A 306 -20.93 -18.71 -8.62
N MET A 307 -20.46 -18.65 -9.86
CA MET A 307 -19.07 -18.26 -10.13
C MET A 307 -18.98 -16.79 -10.53
N VAL A 308 -18.51 -15.97 -9.60
CA VAL A 308 -18.53 -14.53 -9.77
C VAL A 308 -17.14 -14.04 -10.18
N LYS A 309 -17.12 -13.08 -11.09
CA LYS A 309 -15.86 -12.46 -11.53
C LYS A 309 -15.92 -10.95 -11.37
N VAL A 310 -14.84 -10.37 -10.89
CA VAL A 310 -14.83 -8.98 -10.48
C VAL A 310 -13.49 -8.38 -10.88
N ILE A 311 -13.54 -7.21 -11.52
CA ILE A 311 -12.34 -6.49 -11.93
C ILE A 311 -12.31 -5.17 -11.17
N ALA A 312 -11.23 -4.94 -10.43
CA ALA A 312 -11.04 -3.69 -9.70
C ALA A 312 -9.73 -3.01 -10.06
N TRP A 313 -9.76 -1.70 -10.29
CA TRP A 313 -8.52 -0.93 -10.52
C TRP A 313 -7.96 -0.38 -9.22
N TYR A 314 -6.65 -0.40 -9.08
CA TYR A 314 -6.03 0.30 -7.97
C TYR A 314 -4.79 1.09 -8.39
N ASP A 315 -4.59 2.24 -7.77
CA ASP A 315 -3.35 2.97 -7.96
C ASP A 315 -2.32 2.34 -7.03
N ASN A 316 -1.33 1.65 -7.58
CA ASN A 316 -0.40 0.91 -6.73
C ASN A 316 0.37 1.78 -5.75
N GLU A 317 0.76 2.97 -6.18
CA GLU A 317 1.62 3.80 -5.35
C GLU A 317 0.85 4.74 -4.41
N TRP A 318 -0.07 5.50 -4.98
CA TRP A 318 -0.71 6.61 -4.31
C TRP A 318 -1.79 6.14 -3.37
N GLY A 319 -2.62 5.20 -3.84
CA GLY A 319 -3.73 4.65 -3.09
C GLY A 319 -3.19 3.97 -1.85
N TYR A 320 -2.14 3.17 -2.03
CA TYR A 320 -1.49 2.54 -0.90
C TYR A 320 -0.92 3.56 0.08
N SER A 321 -0.14 4.52 -0.39
CA SER A 321 0.41 5.52 0.52
C SER A 321 -0.69 6.20 1.31
N GLN A 322 -1.83 6.43 0.66
CA GLN A 322 -2.99 7.03 1.32
C GLN A 322 -3.42 6.22 2.54
N ARG A 323 -3.33 4.90 2.42
CA ARG A 323 -3.72 4.00 3.49
C ARG A 323 -2.71 4.03 4.62
N VAL A 324 -1.44 4.08 4.24
CA VAL A 324 -0.35 4.17 5.19
C VAL A 324 -0.59 5.35 6.13
N VAL A 325 -0.97 6.49 5.58
CA VAL A 325 -1.31 7.66 6.39
C VAL A 325 -2.59 7.39 7.17
N ASP A 326 -3.54 6.69 6.55
CA ASP A 326 -4.78 6.36 7.24
C ASP A 326 -4.48 5.53 8.47
N LEU A 327 -3.57 4.56 8.31
CA LEU A 327 -3.14 3.75 9.44
C LEU A 327 -2.34 4.55 10.47
N ALA A 328 -1.35 5.30 10.00
CA ALA A 328 -0.53 6.12 10.85
C ALA A 328 -1.35 7.09 11.69
N ASP A 329 -2.36 7.73 11.13
CA ASP A 329 -3.15 8.62 11.99
C ASP A 329 -4.32 7.98 12.75
N ILE A 330 -4.49 6.67 12.64
CA ILE A 330 -5.27 5.95 13.64
C ILE A 330 -4.36 5.73 14.86
N VAL A 331 -3.15 5.24 14.60
CA VAL A 331 -2.12 5.07 15.63
C VAL A 331 -2.00 6.34 16.48
N ALA A 332 -1.87 7.48 15.79
CA ALA A 332 -1.80 8.78 16.43
C ALA A 332 -3.11 9.12 17.15
N ASN A 333 -4.23 8.97 16.42
CA ASN A 333 -5.52 9.46 16.89
C ASN A 333 -5.98 8.85 18.21
N LYS A 334 -5.92 7.52 18.32
CA LYS A 334 -6.05 6.88 19.62
C LYS A 334 -4.66 6.57 20.20
N TRP A 335 -4.20 7.48 21.06
CA TRP A 335 -2.81 7.49 21.54
C TRP A 335 -2.53 6.53 22.71
#